data_1DAH
#
_entry.id   1DAH
#
_cell.length_a   73.200
_cell.length_b   49.200
_cell.length_c   61.800
_cell.angle_alpha   90.00
_cell.angle_beta   107.10
_cell.angle_gamma   90.00
#
_symmetry.space_group_name_H-M   'C 1 2 1'
#
loop_
_entity.id
_entity.type
_entity.pdbx_description
1 polymer 'DETHIOBIOTIN SYNTHETASE'
2 non-polymer 'MANGANESE (II) ION'
3 non-polymer '7,8-DIAMINO-NONANOIC ACID'
4 non-polymer 'PHOSPHOMETHYLPHOSPHONIC ACID ADENYLATE ESTER'
5 water water
#
_entity_poly.entity_id   1
_entity_poly.type   'polypeptide(L)'
_entity_poly.pdbx_seq_one_letter_code
;SKRYFVTGTDTEVGKTVASCALLQAAKAAGYRTAGYKPVASGSEKTPEGLRNSDALALQRNSSLQLDYATVNPYTFAEPT
SPHIISAQEGRPIESLVMSAGLRALEQQADWVLVEGAGGWFTPLSDTFTFADWVTQEQLPVILVVGVKLGCINHAMLTAQ
VIQHAGLTLAGWVANDVTPPGKRHAEYMTTLTRMIPAPLLGEIPWLAENPENAATGKYINLALL
;
_entity_poly.pdbx_strand_id   A
#
# COMPACT_ATOMS: atom_id res chain seq x y z
N SER A 1 -11.46 -14.56 -1.76
CA SER A 1 -10.59 -13.68 -2.53
C SER A 1 -9.23 -13.74 -1.85
N LYS A 2 -8.14 -13.57 -2.59
CA LYS A 2 -6.85 -13.36 -1.97
C LYS A 2 -6.90 -11.91 -1.55
N ARG A 3 -6.29 -11.54 -0.44
CA ARG A 3 -6.32 -10.19 0.11
C ARG A 3 -4.91 -9.89 0.60
N TYR A 4 -4.38 -8.68 0.41
CA TYR A 4 -3.05 -8.29 0.85
C TYR A 4 -3.06 -6.85 1.27
N PHE A 5 -2.34 -6.49 2.31
CA PHE A 5 -2.21 -5.10 2.76
C PHE A 5 -0.82 -4.66 2.36
N VAL A 6 -0.66 -3.48 1.78
CA VAL A 6 0.62 -2.98 1.36
C VAL A 6 0.99 -1.84 2.31
N THR A 7 2.19 -1.98 2.92
CA THR A 7 2.69 -0.93 3.82
C THR A 7 4.08 -0.54 3.34
N GLY A 8 4.63 0.56 3.86
CA GLY A 8 5.93 1.01 3.44
C GLY A 8 6.84 1.27 4.63
N THR A 9 8.14 1.37 4.36
CA THR A 9 9.13 1.66 5.40
C THR A 9 9.03 3.11 5.91
N ASP A 10 8.40 3.97 5.10
CA ASP A 10 8.10 5.36 5.42
C ASP A 10 6.99 5.84 4.44
N THR A 11 6.46 7.05 4.69
CA THR A 11 5.60 7.77 3.75
C THR A 11 6.54 8.13 2.59
N GLU A 12 6.02 8.22 1.37
CA GLU A 12 6.79 8.55 0.17
C GLU A 12 7.90 7.57 -0.16
N VAL A 13 7.75 6.25 -0.06
CA VAL A 13 8.78 5.33 -0.57
C VAL A 13 8.35 4.67 -1.88
N GLY A 14 7.20 5.01 -2.47
CA GLY A 14 6.71 4.36 -3.69
C GLY A 14 5.65 3.31 -3.46
N LYS A 15 4.92 3.36 -2.35
CA LYS A 15 3.89 2.37 -2.06
C LYS A 15 2.83 2.36 -3.16
N THR A 16 2.38 3.50 -3.71
CA THR A 16 1.37 3.40 -4.77
C THR A 16 1.97 2.88 -6.06
N VAL A 17 3.26 3.14 -6.32
CA VAL A 17 3.92 2.64 -7.52
C VAL A 17 4.01 1.12 -7.46
N ALA A 18 4.41 0.59 -6.31
CA ALA A 18 4.49 -0.85 -6.17
C ALA A 18 3.10 -1.49 -6.17
N SER A 19 2.05 -0.87 -5.59
CA SER A 19 0.68 -1.38 -5.64
C SER A 19 0.14 -1.52 -7.08
N CYS A 20 0.42 -0.52 -7.93
CA CYS A 20 0.06 -0.55 -9.35
C CYS A 20 0.81 -1.69 -10.03
N ALA A 21 2.13 -1.87 -9.76
CA ALA A 21 2.84 -2.99 -10.35
C ALA A 21 2.18 -4.33 -9.97
N LEU A 22 1.83 -4.49 -8.66
CA LEU A 22 1.24 -5.70 -8.13
C LEU A 22 -0.10 -5.96 -8.78
N LEU A 23 -0.91 -4.89 -8.90
CA LEU A 23 -2.21 -4.99 -9.56
C LEU A 23 -2.06 -5.37 -11.03
N GLN A 24 -1.08 -4.82 -11.74
CA GLN A 24 -0.85 -5.19 -13.14
C GLN A 24 -0.41 -6.64 -13.27
N ALA A 25 0.45 -7.16 -12.41
CA ALA A 25 0.84 -8.56 -12.45
C ALA A 25 -0.34 -9.50 -12.16
N ALA A 26 -1.26 -9.12 -11.25
CA ALA A 26 -2.37 -9.97 -10.85
C ALA A 26 -3.37 -10.07 -12.00
N LYS A 27 -3.61 -8.95 -12.68
CA LYS A 27 -4.49 -8.90 -13.84
C LYS A 27 -3.88 -9.78 -14.90
N ALA A 28 -2.56 -9.70 -15.13
CA ALA A 28 -1.94 -10.54 -16.12
C ALA A 28 -2.04 -12.03 -15.79
N ALA A 29 -2.11 -12.39 -14.50
CA ALA A 29 -2.30 -13.77 -14.13
C ALA A 29 -3.74 -14.23 -14.32
N GLY A 30 -4.65 -13.32 -14.58
CA GLY A 30 -6.04 -13.67 -14.81
C GLY A 30 -7.00 -13.35 -13.67
N TYR A 31 -6.55 -12.71 -12.59
CA TYR A 31 -7.43 -12.36 -11.49
C TYR A 31 -8.32 -11.18 -11.82
N ARG A 32 -9.52 -11.16 -11.26
CA ARG A 32 -10.40 -9.99 -11.27
C ARG A 32 -9.89 -9.17 -10.07
N THR A 33 -9.24 -8.03 -10.30
CA THR A 33 -8.55 -7.26 -9.28
C THR A 33 -9.27 -6.01 -8.87
N ALA A 34 -9.03 -5.59 -7.63
CA ALA A 34 -9.57 -4.35 -7.06
C ALA A 34 -8.52 -3.83 -6.09
N GLY A 35 -8.25 -2.53 -6.24
CA GLY A 35 -7.42 -1.79 -5.27
C GLY A 35 -8.33 -1.10 -4.25
N TYR A 36 -7.90 -0.99 -3.00
CA TYR A 36 -8.69 -0.42 -1.94
C TYR A 36 -7.76 0.52 -1.17
N LYS A 37 -8.13 1.77 -1.03
CA LYS A 37 -7.37 2.73 -0.21
C LYS A 37 -8.37 3.29 0.80
N PRO A 38 -8.59 2.67 1.99
CA PRO A 38 -9.70 3.04 2.82
C PRO A 38 -9.64 4.48 3.28
N VAL A 39 -8.42 4.94 3.61
CA VAL A 39 -8.23 6.25 4.19
C VAL A 39 -7.19 6.97 3.35
N ALA A 40 -7.51 8.20 2.92
CA ALA A 40 -6.58 9.05 2.21
C ALA A 40 -6.60 10.51 2.70
N SER A 41 -5.43 11.15 2.83
CA SER A 41 -5.30 12.54 3.18
C SER A 41 -4.39 13.14 2.10
N GLY A 42 -4.67 14.37 1.68
CA GLY A 42 -3.93 14.99 0.60
C GLY A 42 -4.75 14.75 -0.67
N SER A 43 -5.79 15.58 -0.86
CA SER A 43 -6.77 15.44 -1.94
C SER A 43 -7.10 16.71 -2.72
N GLU A 44 -7.44 16.62 -4.01
CA GLU A 44 -7.79 17.75 -4.85
C GLU A 44 -9.29 17.95 -4.87
N LYS A 45 -9.74 19.16 -5.11
CA LYS A 45 -11.13 19.53 -5.21
C LYS A 45 -11.53 19.20 -6.67
N THR A 46 -12.70 18.65 -6.95
CA THR A 46 -13.18 18.46 -8.34
C THR A 46 -14.68 18.78 -8.22
N PRO A 47 -15.45 18.80 -9.35
CA PRO A 47 -16.91 18.95 -9.33
C PRO A 47 -17.63 17.86 -8.58
N GLU A 48 -16.96 16.73 -8.39
CA GLU A 48 -17.57 15.59 -7.74
C GLU A 48 -17.20 15.47 -6.26
N GLY A 49 -16.38 16.38 -5.72
CA GLY A 49 -15.85 16.27 -4.37
C GLY A 49 -14.35 15.97 -4.49
N LEU A 50 -13.78 15.74 -3.33
CA LEU A 50 -12.36 15.49 -3.18
C LEU A 50 -11.97 14.17 -3.79
N ARG A 51 -10.79 14.18 -4.44
CA ARG A 51 -10.22 12.99 -5.06
C ARG A 51 -8.75 12.96 -4.71
N ASN A 52 -8.29 11.80 -4.31
CA ASN A 52 -6.90 11.61 -3.92
C ASN A 52 -6.18 10.93 -5.08
N SER A 53 -4.96 11.33 -5.44
CA SER A 53 -4.22 10.75 -6.54
C SER A 53 -3.90 9.27 -6.43
N ASP A 54 -3.52 8.78 -5.25
CA ASP A 54 -3.24 7.38 -5.00
C ASP A 54 -4.45 6.52 -5.29
N ALA A 55 -5.59 6.93 -4.73
CA ALA A 55 -6.85 6.22 -4.92
C ALA A 55 -7.21 6.21 -6.40
N LEU A 56 -7.00 7.31 -7.14
CA LEU A 56 -7.22 7.34 -8.60
C LEU A 56 -6.33 6.36 -9.36
N ALA A 57 -5.08 6.24 -8.90
CA ALA A 57 -4.19 5.28 -9.51
C ALA A 57 -4.66 3.84 -9.26
N LEU A 58 -5.18 3.56 -8.04
CA LEU A 58 -5.61 2.20 -7.69
C LEU A 58 -6.84 1.90 -8.50
N GLN A 59 -7.77 2.87 -8.58
CA GLN A 59 -8.99 2.72 -9.35
C GLN A 59 -8.62 2.45 -10.81
N ARG A 60 -7.77 3.21 -11.47
CA ARG A 60 -7.48 2.91 -12.86
C ARG A 60 -6.58 1.69 -13.08
N ASN A 61 -5.96 1.08 -12.06
CA ASN A 61 -5.19 -0.12 -12.33
C ASN A 61 -5.93 -1.41 -11.99
N SER A 62 -7.17 -1.34 -11.49
CA SER A 62 -8.03 -2.47 -11.14
C SER A 62 -8.64 -3.08 -12.41
N SER A 63 -8.90 -4.37 -12.54
CA SER A 63 -9.46 -4.82 -13.80
C SER A 63 -10.96 -4.58 -13.76
N LEU A 64 -11.61 -4.46 -12.62
CA LEU A 64 -13.05 -4.11 -12.62
C LEU A 64 -13.22 -2.59 -12.72
N GLN A 65 -14.30 -2.10 -13.33
CA GLN A 65 -14.63 -0.67 -13.35
C GLN A 65 -15.27 -0.48 -11.98
N LEU A 66 -14.69 0.33 -11.10
CA LEU A 66 -15.20 0.61 -9.77
C LEU A 66 -15.47 2.09 -9.60
N ASP A 67 -16.41 2.50 -8.77
CA ASP A 67 -16.65 3.90 -8.49
C ASP A 67 -15.62 4.36 -7.48
N TYR A 68 -15.32 5.63 -7.53
CA TYR A 68 -14.33 6.23 -6.66
C TYR A 68 -14.60 5.95 -5.18
N ALA A 69 -15.85 6.19 -4.71
CA ALA A 69 -16.09 6.02 -3.29
C ALA A 69 -15.93 4.55 -2.86
N THR A 70 -16.02 3.59 -3.78
CA THR A 70 -15.88 2.19 -3.39
C THR A 70 -14.38 1.95 -3.07
N VAL A 71 -13.52 2.63 -3.85
CA VAL A 71 -12.07 2.51 -3.70
C VAL A 71 -11.60 3.29 -2.48
N ASN A 72 -12.18 4.45 -2.20
CA ASN A 72 -11.67 5.29 -1.15
C ASN A 72 -12.82 5.96 -0.42
N PRO A 73 -13.40 5.25 0.56
CA PRO A 73 -14.44 5.83 1.38
C PRO A 73 -14.10 7.08 2.17
N TYR A 74 -12.89 7.26 2.74
CA TYR A 74 -12.56 8.42 3.56
C TYR A 74 -11.50 9.27 2.87
N THR A 75 -11.91 10.46 2.42
CA THR A 75 -11.06 11.36 1.66
C THR A 75 -10.89 12.70 2.38
N PHE A 76 -9.66 13.06 2.75
CA PHE A 76 -9.40 14.33 3.41
C PHE A 76 -8.46 15.17 2.56
N ALA A 77 -8.74 16.47 2.56
CA ALA A 77 -7.99 17.41 1.74
C ALA A 77 -6.54 17.63 2.21
N GLU A 78 -6.30 17.76 3.52
CA GLU A 78 -4.98 18.12 4.01
C GLU A 78 -4.08 16.93 4.09
N PRO A 79 -2.88 17.00 3.52
CA PRO A 79 -1.86 15.96 3.62
C PRO A 79 -1.20 15.83 5.01
N THR A 80 -1.91 15.43 6.04
CA THR A 80 -1.34 15.23 7.36
C THR A 80 -1.81 13.88 7.84
N SER A 81 -1.50 13.54 9.08
CA SER A 81 -1.96 12.30 9.69
C SER A 81 -3.52 12.26 9.72
N PRO A 82 -4.11 11.13 9.32
CA PRO A 82 -5.58 10.95 9.23
C PRO A 82 -6.25 11.33 10.53
N HIS A 83 -5.65 10.95 11.68
CA HIS A 83 -6.34 11.26 12.93
C HIS A 83 -6.45 12.77 13.26
N ILE A 84 -5.56 13.63 12.74
CA ILE A 84 -5.57 15.04 13.08
C ILE A 84 -6.72 15.65 12.27
N ILE A 85 -6.69 15.42 10.95
CA ILE A 85 -7.71 16.01 10.09
C ILE A 85 -9.12 15.42 10.35
N SER A 86 -9.24 14.15 10.72
CA SER A 86 -10.51 13.56 11.08
C SER A 86 -11.14 14.32 12.25
N ALA A 87 -10.39 14.54 13.35
CA ALA A 87 -10.87 15.25 14.52
C ALA A 87 -11.19 16.70 14.12
N GLN A 88 -10.39 17.31 13.27
CA GLN A 88 -10.58 18.67 12.82
C GLN A 88 -11.93 18.84 12.13
N GLU A 89 -12.23 17.87 11.27
CA GLU A 89 -13.46 17.88 10.50
C GLU A 89 -14.74 17.38 11.12
N GLY A 90 -14.59 16.63 12.19
CA GLY A 90 -15.72 16.05 12.88
C GLY A 90 -16.23 14.87 12.09
N ARG A 91 -15.33 14.13 11.43
CA ARG A 91 -15.68 12.92 10.66
C ARG A 91 -14.85 11.70 11.13
N PRO A 92 -15.34 10.98 12.15
CA PRO A 92 -14.66 9.82 12.70
C PRO A 92 -14.34 8.76 11.67
N ILE A 93 -13.17 8.13 11.74
CA ILE A 93 -12.84 7.08 10.82
C ILE A 93 -13.27 5.85 11.59
N GLU A 94 -14.29 5.18 11.05
CA GLU A 94 -14.90 4.01 11.63
C GLU A 94 -14.40 2.67 11.06
N SER A 95 -13.98 1.80 11.96
CA SER A 95 -13.50 0.47 11.62
C SER A 95 -14.56 -0.36 10.92
N LEU A 96 -15.84 -0.23 11.31
CA LEU A 96 -16.89 -0.96 10.61
C LEU A 96 -17.08 -0.48 9.17
N VAL A 97 -16.89 0.81 8.88
CA VAL A 97 -17.03 1.32 7.52
C VAL A 97 -15.84 0.81 6.68
N MET A 98 -14.61 0.84 7.24
CA MET A 98 -13.41 0.31 6.55
C MET A 98 -13.60 -1.18 6.23
N SER A 99 -14.04 -2.00 7.19
CA SER A 99 -14.29 -3.41 6.95
C SER A 99 -15.45 -3.68 5.97
N ALA A 100 -16.57 -2.93 6.07
CA ALA A 100 -17.68 -3.14 5.15
C ALA A 100 -17.22 -2.88 3.72
N GLY A 101 -16.39 -1.86 3.55
CA GLY A 101 -15.88 -1.53 2.22
C GLY A 101 -15.07 -2.65 1.61
N LEU A 102 -14.25 -3.32 2.45
CA LEU A 102 -13.45 -4.45 1.99
C LEU A 102 -14.37 -5.60 1.56
N ARG A 103 -15.41 -5.89 2.35
CA ARG A 103 -16.39 -6.92 1.96
C ARG A 103 -17.10 -6.65 0.65
N ALA A 104 -17.45 -5.38 0.42
CA ALA A 104 -18.12 -4.94 -0.80
C ALA A 104 -17.23 -5.27 -2.00
N LEU A 105 -15.92 -4.95 -1.92
CA LEU A 105 -15.01 -5.29 -2.99
C LEU A 105 -14.90 -6.79 -3.25
N GLU A 106 -14.90 -7.56 -2.16
CA GLU A 106 -14.88 -9.01 -2.23
C GLU A 106 -16.10 -9.62 -2.88
N GLN A 107 -17.22 -8.91 -3.03
CA GLN A 107 -18.35 -9.46 -3.75
C GLN A 107 -18.05 -9.56 -5.23
N GLN A 108 -17.15 -8.72 -5.72
CA GLN A 108 -16.88 -8.68 -7.11
C GLN A 108 -15.46 -9.02 -7.49
N ALA A 109 -14.46 -8.90 -6.62
CA ALA A 109 -13.10 -9.18 -7.04
C ALA A 109 -12.57 -10.40 -6.34
N ASP A 110 -11.66 -11.10 -6.99
CA ASP A 110 -11.07 -12.23 -6.30
C ASP A 110 -9.61 -11.98 -5.92
N TRP A 111 -9.06 -10.80 -6.17
CA TRP A 111 -7.69 -10.48 -5.75
C TRP A 111 -7.83 -9.03 -5.36
N VAL A 112 -7.69 -8.75 -4.06
CA VAL A 112 -7.88 -7.40 -3.58
C VAL A 112 -6.60 -6.92 -2.90
N LEU A 113 -6.12 -5.72 -3.28
CA LEU A 113 -4.95 -5.11 -2.66
C LEU A 113 -5.42 -3.93 -1.84
N VAL A 114 -5.04 -3.88 -0.56
CA VAL A 114 -5.42 -2.78 0.33
C VAL A 114 -4.18 -1.93 0.62
N GLU A 115 -4.20 -0.63 0.35
CA GLU A 115 -3.03 0.22 0.58
C GLU A 115 -3.32 1.01 1.84
N GLY A 116 -2.42 1.03 2.81
CA GLY A 116 -2.64 1.84 3.98
C GLY A 116 -2.27 3.30 3.74
N ALA A 117 -2.23 4.05 4.83
CA ALA A 117 -1.77 5.43 4.71
C ALA A 117 -0.47 5.54 5.52
N GLY A 118 0.56 6.21 4.99
CA GLY A 118 1.84 6.39 5.69
C GLY A 118 2.55 5.04 5.94
N GLY A 119 3.07 4.84 7.15
CA GLY A 119 3.76 3.60 7.49
C GLY A 119 2.84 2.76 8.35
N TRP A 120 3.39 1.82 9.11
CA TRP A 120 2.62 0.84 9.88
C TRP A 120 1.74 1.42 10.94
N PHE A 121 2.29 2.29 11.76
CA PHE A 121 1.61 2.79 12.93
C PHE A 121 0.81 4.09 12.76
N THR A 122 0.35 4.45 11.57
CA THR A 122 -0.41 5.67 11.35
C THR A 122 -1.72 5.68 12.18
N PRO A 123 -1.87 6.64 13.08
CA PRO A 123 -3.03 6.80 13.95
C PRO A 123 -4.27 7.16 13.15
N LEU A 124 -5.40 6.52 13.44
CA LEU A 124 -6.68 6.83 12.80
C LEU A 124 -7.61 7.53 13.76
N SER A 125 -7.41 7.34 15.06
CA SER A 125 -8.09 8.12 16.08
C SER A 125 -7.14 8.19 17.25
N ASP A 126 -7.52 8.71 18.39
CA ASP A 126 -6.62 8.76 19.52
C ASP A 126 -6.47 7.43 20.25
N THR A 127 -7.27 6.42 19.94
CA THR A 127 -7.12 5.12 20.58
C THR A 127 -7.02 4.02 19.54
N PHE A 128 -6.89 4.31 18.23
CA PHE A 128 -6.92 3.29 17.20
C PHE A 128 -5.90 3.61 16.12
N THR A 129 -5.06 2.66 15.67
CA THR A 129 -4.12 2.85 14.59
C THR A 129 -4.49 1.92 13.45
N PHE A 130 -3.92 2.19 12.29
CA PHE A 130 -4.07 1.38 11.10
C PHE A 130 -3.65 -0.06 11.40
N ALA A 131 -2.57 -0.21 12.20
CA ALA A 131 -2.06 -1.53 12.56
C ALA A 131 -3.16 -2.31 13.28
N ASP A 132 -3.97 -1.65 14.12
CA ASP A 132 -5.02 -2.34 14.84
C ASP A 132 -6.08 -2.93 13.89
N TRP A 133 -6.44 -2.19 12.83
CA TRP A 133 -7.44 -2.69 11.86
C TRP A 133 -6.87 -3.87 11.05
N VAL A 134 -5.61 -3.79 10.58
CA VAL A 134 -4.97 -4.85 9.80
C VAL A 134 -4.89 -6.10 10.69
N THR A 135 -4.51 -5.99 11.97
CA THR A 135 -4.48 -7.15 12.83
C THR A 135 -5.86 -7.75 12.98
N GLN A 136 -6.84 -6.86 13.16
CA GLN A 136 -8.24 -7.26 13.30
C GLN A 136 -8.68 -8.04 12.06
N GLU A 137 -8.33 -7.57 10.85
CA GLU A 137 -8.69 -8.26 9.64
C GLU A 137 -7.83 -9.46 9.28
N GLN A 138 -6.74 -9.70 10.00
CA GLN A 138 -5.81 -10.77 9.71
C GLN A 138 -5.33 -10.77 8.25
N LEU A 139 -5.01 -9.58 7.76
CA LEU A 139 -4.49 -9.42 6.41
C LEU A 139 -2.99 -9.78 6.34
N PRO A 140 -2.54 -10.58 5.39
CA PRO A 140 -1.10 -10.73 5.16
C PRO A 140 -0.57 -9.42 4.56
N VAL A 141 0.68 -9.10 4.93
CA VAL A 141 1.27 -7.79 4.67
C VAL A 141 2.41 -7.88 3.66
N ILE A 142 2.48 -6.96 2.71
CA ILE A 142 3.57 -6.88 1.73
C ILE A 142 4.31 -5.59 2.09
N LEU A 143 5.63 -5.66 2.31
CA LEU A 143 6.35 -4.46 2.73
C LEU A 143 7.04 -3.80 1.55
N VAL A 144 6.78 -2.50 1.26
CA VAL A 144 7.53 -1.85 0.21
C VAL A 144 8.69 -1.08 0.84
N VAL A 145 9.89 -1.34 0.32
CA VAL A 145 11.13 -0.74 0.82
C VAL A 145 11.74 0.22 -0.20
N GLY A 146 11.78 1.54 0.04
CA GLY A 146 12.45 2.44 -0.88
C GLY A 146 13.94 2.26 -0.65
N VAL A 147 14.76 1.92 -1.63
CA VAL A 147 16.17 1.65 -1.37
C VAL A 147 16.95 2.98 -1.32
N LYS A 148 17.34 3.32 -0.10
CA LYS A 148 18.03 4.56 0.27
C LYS A 148 18.73 4.31 1.62
N LEU A 149 19.67 5.19 1.99
CA LEU A 149 20.40 5.04 3.25
C LEU A 149 19.37 5.24 4.37
N GLY A 150 19.38 4.32 5.35
CA GLY A 150 18.42 4.30 6.45
C GLY A 150 17.36 3.23 6.25
N CYS A 151 17.23 2.64 5.06
CA CYS A 151 16.16 1.70 4.81
C CYS A 151 16.36 0.33 5.49
N ILE A 152 17.61 -0.14 5.79
CA ILE A 152 17.81 -1.43 6.46
C ILE A 152 17.14 -1.34 7.84
N ASN A 153 17.44 -0.27 8.59
CA ASN A 153 16.86 -0.12 9.90
C ASN A 153 15.34 -0.04 9.77
N HIS A 154 14.79 0.78 8.86
CA HIS A 154 13.32 0.86 8.80
C HIS A 154 12.70 -0.47 8.36
N ALA A 155 13.34 -1.26 7.50
CA ALA A 155 12.72 -2.48 7.03
C ALA A 155 12.70 -3.50 8.18
N MET A 156 13.78 -3.55 8.97
CA MET A 156 13.82 -4.48 10.09
C MET A 156 12.89 -4.18 11.25
N LEU A 157 12.77 -2.89 11.57
CA LEU A 157 11.80 -2.43 12.57
C LEU A 157 10.39 -2.83 12.16
N THR A 158 9.97 -2.52 10.93
CA THR A 158 8.60 -2.83 10.49
C THR A 158 8.39 -4.37 10.45
N ALA A 159 9.32 -5.15 9.89
CA ALA A 159 9.24 -6.60 9.84
C ALA A 159 9.06 -7.22 11.21
N GLN A 160 9.80 -6.76 12.23
CA GLN A 160 9.64 -7.35 13.56
C GLN A 160 8.34 -7.04 14.23
N VAL A 161 7.83 -5.80 14.11
CA VAL A 161 6.58 -5.42 14.73
C VAL A 161 5.43 -6.23 14.11
N ILE A 162 5.40 -6.42 12.78
CA ILE A 162 4.34 -7.16 12.11
C ILE A 162 4.28 -8.60 12.62
N GLN A 163 5.48 -9.23 12.63
CA GLN A 163 5.62 -10.59 13.12
C GLN A 163 5.27 -10.68 14.58
N HIS A 164 5.67 -9.73 15.44
CA HIS A 164 5.24 -9.80 16.83
C HIS A 164 3.71 -9.69 16.92
N ALA A 165 3.00 -9.07 15.98
CA ALA A 165 1.56 -8.98 16.06
C ALA A 165 0.94 -10.29 15.57
N GLY A 166 1.71 -11.31 15.22
CA GLY A 166 1.16 -12.56 14.79
C GLY A 166 0.65 -12.47 13.37
N LEU A 167 1.08 -11.54 12.53
CA LEU A 167 0.63 -11.46 11.17
C LEU A 167 1.65 -12.08 10.21
N THR A 168 1.22 -12.56 9.05
CA THR A 168 2.15 -13.03 8.03
C THR A 168 2.70 -11.87 7.22
N LEU A 169 4.01 -11.83 7.10
CA LEU A 169 4.68 -10.92 6.20
C LEU A 169 4.83 -11.77 4.94
N ALA A 170 3.99 -11.45 3.95
CA ALA A 170 3.94 -12.18 2.70
C ALA A 170 5.15 -12.01 1.78
N GLY A 171 5.81 -10.86 1.79
CA GLY A 171 6.92 -10.66 0.88
C GLY A 171 7.29 -9.19 0.96
N TRP A 172 8.33 -8.81 0.24
CA TRP A 172 8.68 -7.39 0.19
C TRP A 172 9.02 -6.99 -1.26
N VAL A 173 8.88 -5.72 -1.57
CA VAL A 173 9.17 -5.19 -2.89
C VAL A 173 10.25 -4.09 -2.75
N ALA A 174 11.36 -4.16 -3.53
CA ALA A 174 12.39 -3.13 -3.50
C ALA A 174 12.04 -2.07 -4.54
N ASN A 175 11.92 -0.82 -4.11
CA ASN A 175 11.60 0.25 -5.01
C ASN A 175 12.77 1.24 -5.14
N ASP A 176 13.32 1.40 -6.33
CA ASP A 176 14.44 2.31 -6.50
C ASP A 176 14.01 3.75 -6.67
N VAL A 177 13.99 4.42 -5.54
CA VAL A 177 13.55 5.80 -5.47
C VAL A 177 14.66 6.75 -5.98
N THR A 178 15.94 6.40 -6.10
CA THR A 178 16.93 7.28 -6.71
C THR A 178 17.61 6.56 -7.88
N PRO A 179 18.29 7.29 -8.79
CA PRO A 179 19.20 6.72 -9.77
C PRO A 179 20.22 5.74 -9.17
N PRO A 180 20.84 4.83 -9.96
CA PRO A 180 21.89 3.91 -9.49
C PRO A 180 22.96 4.62 -8.65
N GLY A 181 23.16 4.19 -7.41
CA GLY A 181 24.17 4.77 -6.52
C GLY A 181 25.28 3.74 -6.27
N LYS A 182 26.34 4.12 -5.57
CA LYS A 182 27.48 3.23 -5.33
C LYS A 182 27.19 1.96 -4.55
N ARG A 183 26.42 1.89 -3.45
CA ARG A 183 26.28 0.60 -2.76
C ARG A 183 24.95 -0.15 -2.96
N HIS A 184 24.40 -0.09 -4.20
CA HIS A 184 23.10 -0.68 -4.52
C HIS A 184 23.08 -2.17 -4.28
N ALA A 185 24.04 -2.88 -4.86
CA ALA A 185 24.10 -4.31 -4.74
C ALA A 185 24.26 -4.81 -3.30
N GLU A 186 25.06 -4.14 -2.46
CA GLU A 186 25.32 -4.60 -1.10
C GLU A 186 24.09 -4.35 -0.24
N TYR A 187 23.42 -3.23 -0.54
CA TYR A 187 22.16 -2.88 0.12
C TYR A 187 21.10 -3.94 -0.18
N MET A 188 20.94 -4.32 -1.47
CA MET A 188 20.02 -5.40 -1.87
C MET A 188 20.39 -6.74 -1.22
N THR A 189 21.67 -7.18 -1.12
CA THR A 189 22.05 -8.40 -0.46
C THR A 189 21.72 -8.33 1.04
N THR A 190 22.02 -7.25 1.77
CA THR A 190 21.68 -7.14 3.20
C THR A 190 20.18 -7.23 3.46
N LEU A 191 19.37 -6.51 2.66
CA LEU A 191 17.92 -6.51 2.80
C LEU A 191 17.40 -7.90 2.50
N THR A 192 17.91 -8.61 1.50
CA THR A 192 17.42 -9.97 1.21
C THR A 192 17.69 -10.91 2.39
N ARG A 193 18.91 -10.76 2.97
CA ARG A 193 19.33 -11.60 4.05
C ARG A 193 18.48 -11.30 5.29
N MET A 194 18.12 -10.04 5.54
CA MET A 194 17.49 -9.68 6.80
C MET A 194 15.98 -9.64 6.86
N ILE A 195 15.24 -9.59 5.73
CA ILE A 195 13.80 -9.50 5.82
C ILE A 195 13.36 -10.94 5.69
N PRO A 196 12.62 -11.46 6.67
CA PRO A 196 12.23 -12.88 6.68
C PRO A 196 11.01 -13.15 5.78
N ALA A 197 11.06 -12.81 4.49
CA ALA A 197 9.92 -12.93 3.59
C ALA A 197 10.52 -12.87 2.20
N PRO A 198 10.02 -13.55 1.15
CA PRO A 198 10.56 -13.48 -0.20
C PRO A 198 10.63 -12.08 -0.82
N LEU A 199 11.68 -11.80 -1.57
CA LEU A 199 11.71 -10.60 -2.39
C LEU A 199 10.81 -10.86 -3.63
N LEU A 200 9.74 -10.11 -3.79
CA LEU A 200 8.81 -10.26 -4.91
C LEU A 200 9.34 -9.60 -6.21
N GLY A 201 10.28 -8.64 -6.13
CA GLY A 201 10.85 -8.03 -7.33
C GLY A 201 11.37 -6.64 -7.05
N GLU A 202 12.05 -6.02 -8.00
CA GLU A 202 12.66 -4.71 -7.84
C GLU A 202 12.16 -3.74 -8.90
N ILE A 203 11.52 -2.64 -8.57
CA ILE A 203 11.09 -1.68 -9.58
C ILE A 203 12.23 -0.68 -9.75
N PRO A 204 12.73 -0.51 -10.99
CA PRO A 204 13.83 0.42 -11.29
C PRO A 204 13.38 1.88 -11.17
N TRP A 205 14.35 2.79 -11.13
CA TRP A 205 14.09 4.21 -10.99
C TRP A 205 13.48 4.63 -12.32
N LEU A 206 12.30 5.24 -12.32
CA LEU A 206 11.65 5.64 -13.55
C LEU A 206 11.36 7.12 -13.32
N ALA A 207 12.12 7.93 -14.01
CA ALA A 207 11.96 9.37 -13.91
C ALA A 207 10.53 9.91 -14.09
N GLU A 208 9.93 9.70 -15.27
CA GLU A 208 8.65 10.28 -15.64
C GLU A 208 7.48 9.41 -15.25
N ASN A 209 6.60 9.89 -14.37
CA ASN A 209 5.33 9.25 -14.07
C ASN A 209 5.19 7.73 -13.79
N PRO A 210 5.97 7.12 -12.88
CA PRO A 210 6.11 5.66 -12.75
C PRO A 210 4.83 4.89 -12.43
N GLU A 211 3.80 5.57 -11.88
CA GLU A 211 2.51 4.93 -11.57
C GLU A 211 1.67 4.63 -12.83
N ASN A 212 1.99 5.31 -13.93
CA ASN A 212 1.36 5.06 -15.21
C ASN A 212 2.23 4.15 -16.06
N ALA A 213 3.48 3.86 -15.63
CA ALA A 213 4.37 2.95 -16.38
C ALA A 213 3.89 1.51 -16.34
N ALA A 214 4.27 0.68 -17.30
CA ALA A 214 3.88 -0.72 -17.21
C ALA A 214 4.97 -1.44 -16.42
N THR A 215 4.71 -1.68 -15.16
CA THR A 215 5.70 -2.22 -14.23
C THR A 215 5.41 -3.62 -13.71
N GLY A 216 4.27 -4.20 -14.12
CA GLY A 216 3.88 -5.53 -13.71
C GLY A 216 4.98 -6.56 -13.91
N LYS A 217 5.74 -6.44 -15.00
CA LYS A 217 6.86 -7.36 -15.34
C LYS A 217 7.93 -7.43 -14.26
N TYR A 218 8.04 -6.47 -13.36
CA TYR A 218 9.09 -6.53 -12.34
C TYR A 218 8.66 -7.35 -11.14
N ILE A 219 7.39 -7.85 -11.08
CA ILE A 219 6.85 -8.58 -9.95
C ILE A 219 6.72 -10.06 -10.31
N ASN A 220 7.21 -10.98 -9.46
CA ASN A 220 6.98 -12.39 -9.60
C ASN A 220 5.87 -12.83 -8.65
N LEU A 221 4.61 -12.79 -9.12
CA LEU A 221 3.45 -13.17 -8.31
C LEU A 221 3.48 -14.60 -7.78
N ALA A 222 4.31 -15.42 -8.43
CA ALA A 222 4.51 -16.80 -8.07
C ALA A 222 5.03 -16.94 -6.67
N LEU A 223 5.63 -15.92 -6.06
CA LEU A 223 6.13 -16.11 -4.70
C LEU A 223 5.15 -15.68 -3.62
N LEU A 224 3.98 -15.24 -4.03
CA LEU A 224 2.95 -14.82 -3.11
C LEU A 224 1.93 -15.93 -2.90
#